data_7ZBS
#
_entry.id   7ZBS
#
_entity_poly.entity_id   1
_entity_poly.type   'polypeptide(L)'
_entity_poly.pdbx_seq_one_letter_code
;ALERTGGNKSKAARLLGISRRTLYR
;
_entity_poly.pdbx_strand_id   X
#
# COMPACT_ATOMS: atom_id res chain seq x y z
N ALA A 1 -3.44 20.52 8.19
CA ALA A 1 -1.97 20.38 7.94
C ALA A 1 -1.72 19.17 7.04
N LEU A 2 -0.91 19.35 6.01
CA LEU A 2 -0.61 18.26 5.08
C LEU A 2 0.80 17.73 5.31
N GLU A 3 0.89 16.45 5.65
CA GLU A 3 2.18 15.82 5.90
C GLU A 3 2.60 15.00 4.70
N ARG A 4 3.67 15.42 4.04
CA ARG A 4 4.17 14.69 2.88
C ARG A 4 4.64 13.31 3.28
N THR A 5 5.31 13.23 4.43
CA THR A 5 5.82 11.95 4.92
C THR A 5 4.65 11.01 5.21
N GLY A 6 4.78 9.77 4.77
CA GLY A 6 3.74 8.78 4.99
C GLY A 6 2.79 8.70 3.79
N GLY A 7 2.88 9.69 2.90
CA GLY A 7 2.04 9.73 1.72
C GLY A 7 2.27 8.52 0.82
N ASN A 8 3.53 8.12 0.67
CA ASN A 8 3.85 6.97 -0.17
C ASN A 8 3.61 5.66 0.58
N LYS A 9 3.72 5.73 1.90
CA LYS A 9 3.51 4.55 2.72
C LYS A 9 2.08 4.03 2.55
N SER A 10 1.13 4.95 2.48
CA SER A 10 -0.26 4.58 2.32
C SER A 10 -0.46 3.86 0.99
N LYS A 11 0.22 4.31 -0.05
CA LYS A 11 0.10 3.70 -1.37
C LYS A 11 0.58 2.25 -1.31
N ALA A 12 1.69 2.03 -0.62
CA ALA A 12 2.25 0.68 -0.50
C ALA A 12 1.28 -0.24 0.24
N ALA A 13 0.62 0.29 1.27
CA ALA A 13 -0.31 -0.51 2.05
C ALA A 13 -1.43 -1.04 1.16
N ARG A 14 -1.94 -0.17 0.30
CA ARG A 14 -3.01 -0.57 -0.62
C ARG A 14 -2.48 -1.57 -1.64
N LEU A 15 -1.27 -1.34 -2.13
CA LEU A 15 -0.66 -2.22 -3.10
C LEU A 15 -0.47 -3.62 -2.52
N LEU A 16 -0.07 -3.69 -1.27
CA LEU A 16 0.14 -4.97 -0.62
C LEU A 16 -1.17 -5.74 -0.54
N GLY A 17 -2.25 -5.03 -0.23
CA GLY A 17 -3.55 -5.69 -0.11
C GLY A 17 -3.91 -6.39 -1.41
N ILE A 18 -3.72 -5.69 -2.51
CA ILE A 18 -3.99 -6.24 -3.83
C ILE A 18 -3.04 -7.40 -4.11
N SER A 19 -1.78 -7.24 -3.70
CA SER A 19 -0.78 -8.28 -3.92
C SER A 19 -1.16 -9.55 -3.17
N ARG A 20 -1.64 -9.39 -1.94
CA ARG A 20 -2.03 -10.55 -1.14
C ARG A 20 -3.20 -11.28 -1.82
N ARG A 21 -4.15 -10.52 -2.35
CA ARG A 21 -5.32 -11.11 -3.00
C ARG A 21 -4.89 -11.92 -4.22
N THR A 22 -3.94 -11.40 -4.99
CA THR A 22 -3.46 -12.09 -6.17
C THR A 22 -2.83 -13.43 -5.79
N LEU A 23 -2.01 -13.41 -4.74
CA LEU A 23 -1.34 -14.62 -4.27
C LEU A 23 -2.36 -15.66 -3.78
N TYR A 24 -3.37 -15.19 -3.07
CA TYR A 24 -4.40 -16.08 -2.53
C TYR A 24 -5.73 -15.87 -3.23
N ARG A 25 -6.09 -16.83 -4.06
CA ARG A 25 -7.35 -16.78 -4.79
C ARG A 25 -8.41 -17.61 -4.09
N ALA A 1 8.42 12.69 13.08
CA ALA A 1 9.28 13.69 12.37
C ALA A 1 9.50 13.23 10.93
N LEU A 2 9.35 14.16 9.98
CA LEU A 2 9.54 13.85 8.57
C LEU A 2 8.51 12.83 8.09
N GLU A 3 8.06 12.99 6.85
CA GLU A 3 7.08 12.07 6.26
C GLU A 3 5.86 11.93 7.16
N ARG A 4 5.41 13.06 7.71
CA ARG A 4 4.24 13.05 8.57
C ARG A 4 3.01 12.61 7.79
N THR A 5 2.90 13.08 6.55
CA THR A 5 1.76 12.70 5.71
C THR A 5 1.74 11.19 5.48
N GLY A 6 2.90 10.63 5.12
CA GLY A 6 2.99 9.19 4.88
C GLY A 6 2.16 8.78 3.66
N GLY A 7 2.05 9.70 2.71
CA GLY A 7 1.28 9.44 1.51
C GLY A 7 1.82 8.25 0.72
N ASN A 8 3.15 8.17 0.61
CA ASN A 8 3.76 7.08 -0.12
C ASN A 8 3.56 5.77 0.62
N LYS A 9 3.58 5.86 1.94
CA LYS A 9 3.42 4.68 2.78
C LYS A 9 2.02 4.09 2.59
N SER A 10 1.04 4.97 2.50
CA SER A 10 -0.35 4.54 2.33
C SER A 10 -0.50 3.81 1.00
N LYS A 11 0.15 4.34 -0.03
CA LYS A 11 0.06 3.73 -1.35
C LYS A 11 0.59 2.31 -1.32
N ALA A 12 1.72 2.12 -0.66
CA ALA A 12 2.32 0.79 -0.56
C ALA A 12 1.40 -0.17 0.18
N ALA A 13 0.75 0.33 1.24
CA ALA A 13 -0.15 -0.51 2.03
C ALA A 13 -1.28 -1.04 1.15
N ARG A 14 -1.85 -0.17 0.32
CA ARG A 14 -2.92 -0.58 -0.57
C ARG A 14 -2.40 -1.57 -1.62
N LEU A 15 -1.21 -1.32 -2.12
CA LEU A 15 -0.60 -2.18 -3.13
C LEU A 15 -0.39 -3.59 -2.58
N LEU A 16 0.03 -3.67 -1.32
CA LEU A 16 0.24 -4.97 -0.70
C LEU A 16 -1.07 -5.73 -0.59
N GLY A 17 -2.15 -5.02 -0.26
CA GLY A 17 -3.44 -5.66 -0.12
C GLY A 17 -3.84 -6.35 -1.42
N ILE A 18 -3.62 -5.68 -2.53
CA ILE A 18 -3.91 -6.25 -3.84
C ILE A 18 -2.99 -7.43 -4.11
N SER A 19 -1.72 -7.29 -3.71
CA SER A 19 -0.76 -8.35 -3.92
C SER A 19 -1.16 -9.61 -3.15
N ARG A 20 -1.63 -9.43 -1.91
CA ARG A 20 -2.05 -10.55 -1.10
C ARG A 20 -3.21 -11.28 -1.77
N ARG A 21 -4.16 -10.50 -2.30
CA ARG A 21 -5.33 -11.08 -2.95
C ARG A 21 -4.92 -11.92 -4.16
N THR A 22 -3.95 -11.42 -4.92
CA THR A 22 -3.48 -12.13 -6.11
C THR A 22 -2.88 -13.47 -5.72
N LEU A 23 -2.11 -13.48 -4.62
CA LEU A 23 -1.46 -14.70 -4.15
C LEU A 23 -2.48 -15.79 -3.80
N TYR A 24 -3.56 -15.38 -3.17
CA TYR A 24 -4.62 -16.33 -2.77
C TYR A 24 -5.81 -16.26 -3.71
N ARG A 25 -5.66 -15.54 -4.81
CA ARG A 25 -6.74 -15.40 -5.78
C ARG A 25 -6.28 -14.58 -6.99
N ALA A 1 5.09 8.95 10.39
CA ALA A 1 4.93 8.66 8.94
C ALA A 1 3.65 9.32 8.44
N LEU A 2 3.57 10.65 8.57
CA LEU A 2 2.40 11.40 8.11
C LEU A 2 2.80 12.52 7.17
N GLU A 3 1.91 12.81 6.21
CA GLU A 3 2.15 13.87 5.24
C GLU A 3 3.37 13.56 4.37
N ARG A 4 3.21 13.69 3.06
CA ARG A 4 4.30 13.41 2.14
C ARG A 4 4.79 11.98 2.27
N THR A 5 5.71 11.75 3.19
CA THR A 5 6.24 10.41 3.40
C THR A 5 5.12 9.47 3.86
N GLY A 6 4.23 9.98 4.70
CA GLY A 6 3.12 9.17 5.18
C GLY A 6 2.22 8.74 4.04
N GLY A 7 1.97 9.65 3.11
CA GLY A 7 1.12 9.38 1.97
C GLY A 7 1.69 8.25 1.09
N ASN A 8 3.00 8.23 0.93
CA ASN A 8 3.63 7.19 0.12
C ASN A 8 3.49 5.83 0.79
N LYS A 9 3.59 5.82 2.11
CA LYS A 9 3.46 4.58 2.86
C LYS A 9 2.07 3.98 2.67
N SER A 10 1.06 4.84 2.68
CA SER A 10 -0.31 4.39 2.52
C SER A 10 -0.49 3.74 1.15
N LYS A 11 0.13 4.34 0.14
CA LYS A 11 0.03 3.82 -1.22
C LYS A 11 0.57 2.38 -1.28
N ALA A 12 1.71 2.17 -0.64
CA ALA A 12 2.32 0.85 -0.62
C ALA A 12 1.41 -0.15 0.07
N ALA A 13 0.76 0.28 1.14
CA ALA A 13 -0.15 -0.60 1.88
C ALA A 13 -1.27 -1.10 0.98
N ARG A 14 -1.81 -0.20 0.17
CA ARG A 14 -2.88 -0.57 -0.76
C ARG A 14 -2.37 -1.59 -1.78
N LEU A 15 -1.17 -1.35 -2.29
CA LEU A 15 -0.57 -2.25 -3.27
C LEU A 15 -0.39 -3.64 -2.68
N LEU A 16 0.01 -3.70 -1.42
CA LEU A 16 0.22 -4.99 -0.76
C LEU A 16 -1.10 -5.75 -0.68
N GLY A 17 -2.19 -5.04 -0.39
CA GLY A 17 -3.48 -5.68 -0.27
C GLY A 17 -3.85 -6.38 -1.58
N ILE A 18 -3.61 -5.70 -2.69
CA ILE A 18 -3.88 -6.27 -4.01
C ILE A 18 -2.94 -7.45 -4.27
N SER A 19 -1.69 -7.29 -3.86
CA SER A 19 -0.71 -8.36 -4.04
C SER A 19 -1.11 -9.60 -3.26
N ARG A 20 -1.60 -9.41 -2.05
CA ARG A 20 -2.02 -10.53 -1.22
C ARG A 20 -3.19 -11.25 -1.86
N ARG A 21 -4.12 -10.47 -2.41
CA ARG A 21 -5.31 -11.05 -3.06
C ARG A 21 -4.91 -11.95 -4.22
N THR A 22 -3.97 -11.49 -5.04
CA THR A 22 -3.52 -12.27 -6.18
C THR A 22 -2.91 -13.59 -5.72
N LEU A 23 -2.09 -13.52 -4.68
CA LEU A 23 -1.43 -14.70 -4.14
C LEU A 23 -2.45 -15.71 -3.60
N TYR A 24 -3.47 -15.19 -2.93
CA TYR A 24 -4.51 -16.05 -2.36
C TYR A 24 -5.85 -15.83 -3.06
N ARG A 25 -6.25 -16.83 -3.82
CA ARG A 25 -7.52 -16.78 -4.54
C ARG A 25 -8.41 -17.94 -4.14
N ALA A 1 -2.36 15.47 -0.28
CA ALA A 1 -1.63 15.98 0.90
C ALA A 1 -0.97 14.81 1.64
N LEU A 2 0.28 15.01 2.08
CA LEU A 2 1.00 13.95 2.79
C LEU A 2 2.03 14.54 3.75
N GLU A 3 2.23 13.88 4.87
CA GLU A 3 3.20 14.33 5.86
C GLU A 3 4.08 13.17 6.31
N ARG A 4 5.37 13.45 6.49
CA ARG A 4 6.30 12.42 6.93
C ARG A 4 6.27 11.24 5.97
N THR A 5 6.12 11.54 4.68
CA THR A 5 6.07 10.49 3.66
C THR A 5 4.96 9.48 3.97
N GLY A 6 4.00 9.90 4.80
CA GLY A 6 2.88 9.04 5.17
C GLY A 6 2.08 8.65 3.94
N GLY A 7 1.92 9.60 3.02
CA GLY A 7 1.16 9.36 1.80
C GLY A 7 1.76 8.24 0.96
N ASN A 8 3.08 8.18 0.88
CA ASN A 8 3.73 7.13 0.10
C ASN A 8 3.55 5.79 0.78
N LYS A 9 3.60 5.79 2.11
CA LYS A 9 3.45 4.56 2.88
C LYS A 9 2.05 3.99 2.68
N SER A 10 1.05 4.88 2.67
CA SER A 10 -0.33 4.45 2.50
C SER A 10 -0.52 3.81 1.13
N LYS A 11 0.15 4.36 0.12
CA LYS A 11 0.06 3.84 -1.23
C LYS A 11 0.56 2.39 -1.29
N ALA A 12 1.70 2.15 -0.66
CA ALA A 12 2.29 0.83 -0.63
C ALA A 12 1.35 -0.17 0.06
N ALA A 13 0.68 0.28 1.12
CA ALA A 13 -0.22 -0.59 1.85
C ALA A 13 -1.34 -1.08 0.95
N ARG A 14 -1.88 -0.18 0.15
CA ARG A 14 -2.96 -0.53 -0.77
C ARG A 14 -2.46 -1.53 -1.82
N LEU A 15 -1.24 -1.30 -2.31
CA LEU A 15 -0.64 -2.17 -3.31
C LEU A 15 -0.41 -3.56 -2.74
N LEU A 16 0.06 -3.62 -1.49
CA LEU A 16 0.32 -4.89 -0.86
C LEU A 16 -0.96 -5.70 -0.74
N GLY A 17 -2.04 -5.03 -0.35
CA GLY A 17 -3.31 -5.71 -0.18
C GLY A 17 -3.73 -6.37 -1.49
N ILE A 18 -3.54 -5.65 -2.58
CA ILE A 18 -3.87 -6.18 -3.89
C ILE A 18 -2.98 -7.39 -4.20
N SER A 19 -1.71 -7.28 -3.84
CA SER A 19 -0.78 -8.38 -4.07
C SER A 19 -1.18 -9.61 -3.27
N ARG A 20 -1.60 -9.40 -2.03
CA ARG A 20 -2.01 -10.51 -1.18
C ARG A 20 -3.22 -11.22 -1.77
N ARG A 21 -4.15 -10.44 -2.33
CA ARG A 21 -5.35 -11.01 -2.94
C ARG A 21 -4.98 -11.92 -4.11
N THR A 22 -4.01 -11.50 -4.90
CA THR A 22 -3.57 -12.28 -6.05
C THR A 22 -2.96 -13.61 -5.62
N LEU A 23 -2.16 -13.55 -4.56
CA LEU A 23 -1.48 -14.74 -4.04
C LEU A 23 -2.49 -15.79 -3.58
N TYR A 24 -3.55 -15.35 -2.93
CA TYR A 24 -4.58 -16.25 -2.43
C TYR A 24 -5.84 -16.20 -3.30
N ARG A 25 -5.73 -15.59 -4.46
CA ARG A 25 -6.86 -15.47 -5.36
C ARG A 25 -7.58 -16.81 -5.53
N ALA A 1 6.66 13.77 10.70
CA ALA A 1 5.51 13.08 10.06
C ALA A 1 5.07 13.87 8.83
N LEU A 2 5.92 13.90 7.80
CA LEU A 2 5.59 14.62 6.57
C LEU A 2 4.40 13.99 5.86
N GLU A 3 3.52 14.84 5.33
CA GLU A 3 2.35 14.37 4.61
C GLU A 3 2.74 13.57 3.38
N ARG A 4 3.74 14.05 2.68
CA ARG A 4 4.21 13.39 1.47
C ARG A 4 4.67 11.97 1.78
N THR A 5 5.42 11.83 2.87
CA THR A 5 5.93 10.52 3.26
C THR A 5 4.78 9.62 3.67
N GLY A 6 3.80 10.17 4.39
CA GLY A 6 2.66 9.39 4.82
C GLY A 6 1.86 8.88 3.63
N GLY A 7 1.71 9.74 2.62
CA GLY A 7 0.97 9.39 1.42
C GLY A 7 1.62 8.22 0.68
N ASN A 8 2.94 8.20 0.65
CA ASN A 8 3.64 7.12 -0.03
C ASN A 8 3.46 5.80 0.70
N LYS A 9 3.47 5.87 2.02
CA LYS A 9 3.30 4.68 2.84
C LYS A 9 1.92 4.08 2.63
N SER A 10 0.91 4.93 2.53
CA SER A 10 -0.45 4.48 2.33
C SER A 10 -0.58 3.77 0.98
N LYS A 11 0.13 4.29 -0.01
CA LYS A 11 0.09 3.70 -1.35
C LYS A 11 0.62 2.27 -1.31
N ALA A 12 1.75 2.09 -0.63
CA ALA A 12 2.35 0.77 -0.52
C ALA A 12 1.43 -0.21 0.19
N ALA A 13 0.75 0.28 1.24
CA ALA A 13 -0.16 -0.58 2.00
C ALA A 13 -1.27 -1.11 1.10
N ARG A 14 -1.83 -0.22 0.28
CA ARG A 14 -2.90 -0.61 -0.63
C ARG A 14 -2.37 -1.58 -1.68
N LEU A 15 -1.15 -1.33 -2.15
CA LEU A 15 -0.53 -2.19 -3.15
C LEU A 15 -0.29 -3.59 -2.60
N LEU A 16 0.12 -3.67 -1.34
CA LEU A 16 0.37 -4.96 -0.72
C LEU A 16 -0.91 -5.76 -0.62
N GLY A 17 -2.00 -5.08 -0.27
CA GLY A 17 -3.29 -5.75 -0.14
C GLY A 17 -3.69 -6.40 -1.47
N ILE A 18 -3.46 -5.67 -2.55
CA ILE A 18 -3.79 -6.18 -3.88
C ILE A 18 -2.91 -7.39 -4.18
N SER A 19 -1.64 -7.31 -3.80
CA SER A 19 -0.72 -8.41 -4.02
C SER A 19 -1.15 -9.64 -3.25
N ARG A 20 -1.60 -9.43 -2.02
CA ARG A 20 -2.04 -10.55 -1.19
C ARG A 20 -3.22 -11.25 -1.84
N ARG A 21 -4.16 -10.47 -2.38
CA ARG A 21 -5.35 -11.03 -3.02
C ARG A 21 -4.96 -11.92 -4.20
N THR A 22 -4.03 -11.43 -5.01
CA THR A 22 -3.59 -12.18 -6.18
C THR A 22 -2.98 -13.51 -5.74
N LEU A 23 -2.14 -13.46 -4.71
CA LEU A 23 -1.49 -14.66 -4.21
C LEU A 23 -2.49 -15.69 -3.71
N TYR A 24 -3.53 -15.21 -3.03
CA TYR A 24 -4.56 -16.09 -2.48
C TYR A 24 -5.88 -15.88 -3.18
N ARG A 25 -6.27 -16.87 -3.97
CA ARG A 25 -7.53 -16.81 -4.69
C ARG A 25 -8.24 -18.17 -4.64
N ALA A 1 14.20 19.49 -0.86
CA ALA A 1 12.73 19.52 -1.07
C ALA A 1 12.13 18.15 -0.76
N LEU A 2 11.58 18.00 0.45
CA LEU A 2 10.99 16.72 0.85
C LEU A 2 9.48 16.88 1.08
N GLU A 3 8.73 15.85 0.68
CA GLU A 3 7.28 15.87 0.85
C GLU A 3 6.92 15.86 2.33
N ARG A 4 7.70 15.15 3.13
CA ARG A 4 7.44 15.08 4.56
C ARG A 4 6.02 14.59 4.82
N THR A 5 5.63 13.52 4.14
CA THR A 5 4.31 12.95 4.30
C THR A 5 4.34 11.43 4.16
N GLY A 6 3.35 10.78 4.75
CA GLY A 6 3.28 9.32 4.70
C GLY A 6 2.36 8.86 3.56
N GLY A 7 2.16 9.74 2.57
CA GLY A 7 1.31 9.42 1.45
C GLY A 7 1.81 8.20 0.68
N ASN A 8 3.12 8.12 0.49
CA ASN A 8 3.69 6.98 -0.22
C ASN A 8 3.50 5.70 0.57
N LYS A 9 3.57 5.82 1.89
CA LYS A 9 3.41 4.67 2.77
C LYS A 9 2.00 4.09 2.62
N SER A 10 1.02 4.98 2.52
CA SER A 10 -0.36 4.53 2.37
C SER A 10 -0.53 3.78 1.05
N LYS A 11 0.13 4.28 0.01
CA LYS A 11 0.03 3.63 -1.30
C LYS A 11 0.57 2.21 -1.24
N ALA A 12 1.69 2.04 -0.54
CA ALA A 12 2.30 0.72 -0.41
C ALA A 12 1.35 -0.24 0.31
N ALA A 13 0.66 0.25 1.32
CA ALA A 13 -0.26 -0.59 2.08
C ALA A 13 -1.37 -1.10 1.17
N ARG A 14 -1.91 -0.22 0.34
CA ARG A 14 -2.97 -0.60 -0.58
C ARG A 14 -2.43 -1.57 -1.64
N LEU A 15 -1.21 -1.31 -2.10
CA LEU A 15 -0.57 -2.16 -3.10
C LEU A 15 -0.37 -3.57 -2.55
N LEU A 16 0.05 -3.66 -1.29
CA LEU A 16 0.28 -4.95 -0.67
C LEU A 16 -1.02 -5.75 -0.62
N GLY A 17 -2.12 -5.08 -0.27
CA GLY A 17 -3.39 -5.77 -0.17
C GLY A 17 -3.76 -6.40 -1.50
N ILE A 18 -3.52 -5.65 -2.57
CA ILE A 18 -3.80 -6.15 -3.90
C ILE A 18 -2.91 -7.35 -4.20
N SER A 19 -1.64 -7.26 -3.80
CA SER A 19 -0.70 -8.34 -4.04
C SER A 19 -1.12 -9.60 -3.30
N ARG A 20 -1.58 -9.42 -2.06
CA ARG A 20 -2.00 -10.56 -1.26
C ARG A 20 -3.18 -11.27 -1.91
N ARG A 21 -4.10 -10.49 -2.46
CA ARG A 21 -5.29 -11.05 -3.12
C ARG A 21 -4.89 -11.94 -4.29
N THR A 22 -3.95 -11.46 -5.10
CA THR A 22 -3.49 -12.24 -6.25
C THR A 22 -2.89 -13.56 -5.79
N LEU A 23 -2.08 -13.49 -4.75
CA LEU A 23 -1.43 -14.69 -4.22
C LEU A 23 -2.45 -15.68 -3.68
N TYR A 24 -3.47 -15.17 -3.01
CA TYR A 24 -4.51 -16.02 -2.45
C TYR A 24 -5.85 -15.79 -3.13
N ARG A 25 -6.27 -16.78 -3.89
CA ARG A 25 -7.54 -16.70 -4.60
C ARG A 25 -8.20 -18.07 -4.68
N ALA A 1 10.60 15.81 15.59
CA ALA A 1 9.21 15.40 15.91
C ALA A 1 8.24 16.18 15.03
N LEU A 2 8.26 15.89 13.72
CA LEU A 2 7.37 16.57 12.80
C LEU A 2 6.33 15.60 12.23
N GLU A 3 5.11 16.09 12.05
CA GLU A 3 4.02 15.28 11.51
C GLU A 3 4.34 14.86 10.09
N ARG A 4 4.21 13.56 9.81
CA ARG A 4 4.47 13.05 8.48
C ARG A 4 3.18 12.54 7.85
N THR A 5 2.88 13.02 6.64
CA THR A 5 1.67 12.59 5.95
C THR A 5 1.69 11.09 5.70
N GLY A 6 2.84 10.58 5.25
CA GLY A 6 2.97 9.15 4.98
C GLY A 6 2.14 8.73 3.77
N GLY A 7 2.02 9.64 2.82
CA GLY A 7 1.25 9.37 1.62
C GLY A 7 1.80 8.19 0.83
N ASN A 8 3.13 8.13 0.72
CA ASN A 8 3.75 7.05 -0.01
C ASN A 8 3.54 5.73 0.73
N LYS A 9 3.55 5.81 2.05
CA LYS A 9 3.36 4.61 2.88
C LYS A 9 1.97 4.03 2.67
N SER A 10 0.97 4.90 2.58
CA SER A 10 -0.40 4.45 2.39
C SER A 10 -0.54 3.76 1.03
N LYS A 11 0.16 4.29 0.03
CA LYS A 11 0.09 3.71 -1.31
C LYS A 11 0.62 2.28 -1.29
N ALA A 12 1.75 2.08 -0.62
CA ALA A 12 2.34 0.75 -0.54
C ALA A 12 1.39 -0.23 0.15
N ALA A 13 0.70 0.24 1.19
CA ALA A 13 -0.23 -0.61 1.92
C ALA A 13 -1.34 -1.10 1.00
N ARG A 14 -1.88 -0.19 0.20
CA ARG A 14 -2.95 -0.54 -0.73
C ARG A 14 -2.45 -1.53 -1.78
N LEU A 15 -1.23 -1.31 -2.26
CA LEU A 15 -0.65 -2.18 -3.26
C LEU A 15 -0.41 -3.58 -2.68
N LEU A 16 0.05 -3.64 -1.44
CA LEU A 16 0.30 -4.91 -0.79
C LEU A 16 -0.99 -5.71 -0.67
N GLY A 17 -2.07 -5.03 -0.30
CA GLY A 17 -3.35 -5.71 -0.13
C GLY A 17 -3.76 -6.37 -1.43
N ILE A 18 -3.55 -5.64 -2.53
CA ILE A 18 -3.88 -6.17 -3.85
C ILE A 18 -2.97 -7.36 -4.14
N SER A 19 -1.70 -7.25 -3.78
CA SER A 19 -0.75 -8.32 -4.02
C SER A 19 -1.14 -9.58 -3.25
N ARG A 20 -1.59 -9.39 -2.01
CA ARG A 20 -1.99 -10.52 -1.17
C ARG A 20 -3.18 -11.24 -1.80
N ARG A 21 -4.13 -10.47 -2.32
CA ARG A 21 -5.31 -11.05 -2.95
C ARG A 21 -4.93 -11.91 -4.15
N THR A 22 -3.98 -11.42 -4.93
CA THR A 22 -3.52 -12.15 -6.11
C THR A 22 -2.92 -13.50 -5.71
N LEU A 23 -2.10 -13.48 -4.66
CA LEU A 23 -1.45 -14.70 -4.19
C LEU A 23 -2.47 -15.72 -3.70
N TYR A 24 -3.48 -15.23 -3.00
CA TYR A 24 -4.51 -16.11 -2.47
C TYR A 24 -5.83 -15.89 -3.19
N ARG A 25 -6.22 -16.90 -3.98
CA ARG A 25 -7.46 -16.82 -4.73
C ARG A 25 -7.97 -18.23 -5.05
N ALA A 1 2.55 20.25 1.45
CA ALA A 1 3.42 19.12 1.89
C ALA A 1 2.99 18.66 3.28
N LEU A 2 1.85 17.99 3.38
CA LEU A 2 1.35 17.52 4.67
C LEU A 2 1.41 15.99 4.75
N GLU A 3 2.23 15.50 5.67
CA GLU A 3 2.37 14.05 5.86
C GLU A 3 2.64 13.35 4.54
N ARG A 4 3.58 13.89 3.78
CA ARG A 4 3.92 13.30 2.49
C ARG A 4 4.44 11.88 2.69
N THR A 5 5.25 11.69 3.73
CA THR A 5 5.81 10.39 4.00
C THR A 5 4.69 9.39 4.31
N GLY A 6 3.74 9.79 5.14
CA GLY A 6 2.63 8.92 5.49
C GLY A 6 1.82 8.55 4.26
N GLY A 7 1.61 9.53 3.39
CA GLY A 7 0.84 9.31 2.16
C GLY A 7 1.48 8.26 1.27
N ASN A 8 2.80 8.26 1.18
CA ASN A 8 3.49 7.29 0.34
C ASN A 8 3.35 5.90 0.93
N LYS A 9 3.39 5.82 2.26
CA LYS A 9 3.26 4.54 2.94
C LYS A 9 1.88 3.95 2.69
N SER A 10 0.86 4.78 2.72
CA SER A 10 -0.51 4.33 2.50
C SER A 10 -0.64 3.74 1.10
N LYS A 11 0.00 4.37 0.13
CA LYS A 11 -0.05 3.90 -1.25
C LYS A 11 0.51 2.48 -1.35
N ALA A 12 1.67 2.28 -0.73
CA ALA A 12 2.30 0.97 -0.73
C ALA A 12 1.45 -0.06 0.02
N ALA A 13 0.84 0.37 1.11
CA ALA A 13 0.00 -0.53 1.91
C ALA A 13 -1.14 -1.07 1.07
N ARG A 14 -1.77 -0.18 0.30
CA ARG A 14 -2.87 -0.58 -0.56
C ARG A 14 -2.39 -1.56 -1.63
N LEU A 15 -1.20 -1.28 -2.16
CA LEU A 15 -0.61 -2.14 -3.19
C LEU A 15 -0.39 -3.55 -2.66
N LEU A 16 0.08 -3.64 -1.42
CA LEU A 16 0.32 -4.94 -0.82
C LEU A 16 -0.98 -5.72 -0.67
N GLY A 17 -2.05 -5.01 -0.32
CA GLY A 17 -3.33 -5.66 -0.15
C GLY A 17 -3.76 -6.36 -1.44
N ILE A 18 -3.58 -5.66 -2.55
CA ILE A 18 -3.90 -6.24 -3.85
C ILE A 18 -2.98 -7.41 -4.14
N SER A 19 -1.71 -7.27 -3.75
CA SER A 19 -0.74 -8.33 -3.96
C SER A 19 -1.14 -9.59 -3.22
N ARG A 20 -1.62 -9.42 -1.98
CA ARG A 20 -2.04 -10.57 -1.19
C ARG A 20 -3.22 -11.28 -1.85
N ARG A 21 -4.13 -10.50 -2.43
CA ARG A 21 -5.29 -11.07 -3.10
C ARG A 21 -4.87 -11.95 -4.27
N THR A 22 -3.87 -11.50 -5.02
CA THR A 22 -3.37 -12.26 -6.16
C THR A 22 -2.84 -13.61 -5.70
N LEU A 23 -2.05 -13.59 -4.62
CA LEU A 23 -1.47 -14.81 -4.09
C LEU A 23 -2.54 -15.78 -3.59
N TYR A 24 -3.56 -15.24 -2.94
CA TYR A 24 -4.65 -16.06 -2.42
C TYR A 24 -5.93 -15.85 -3.20
N ARG A 25 -6.30 -16.85 -3.98
CA ARG A 25 -7.51 -16.78 -4.79
C ARG A 25 -8.01 -18.19 -5.11
N ALA A 1 7.56 14.24 11.41
CA ALA A 1 7.06 13.39 10.29
C ALA A 1 6.55 14.29 9.17
N LEU A 2 6.48 13.75 7.95
CA LEU A 2 5.99 14.52 6.80
C LEU A 2 4.73 13.92 6.22
N GLU A 3 3.81 14.80 5.82
CA GLU A 3 2.54 14.36 5.24
C GLU A 3 2.78 13.57 3.95
N ARG A 4 3.70 14.05 3.14
CA ARG A 4 4.01 13.39 1.88
C ARG A 4 4.52 11.98 2.15
N THR A 5 5.34 11.84 3.19
CA THR A 5 5.90 10.54 3.53
C THR A 5 4.78 9.57 3.89
N GLY A 6 3.84 10.01 4.72
CA GLY A 6 2.72 9.16 5.12
C GLY A 6 1.91 8.73 3.90
N GLY A 7 1.72 9.66 2.96
CA GLY A 7 0.95 9.39 1.76
C GLY A 7 1.57 8.26 0.93
N ASN A 8 2.90 8.24 0.86
CA ASN A 8 3.59 7.21 0.09
C ASN A 8 3.42 5.85 0.77
N LYS A 9 3.43 5.87 2.09
CA LYS A 9 3.27 4.63 2.86
C LYS A 9 1.90 4.02 2.62
N SER A 10 0.89 4.88 2.57
CA SER A 10 -0.47 4.42 2.34
C SER A 10 -0.59 3.77 0.96
N LYS A 11 0.08 4.36 -0.02
CA LYS A 11 0.05 3.84 -1.37
C LYS A 11 0.61 2.42 -1.41
N ALA A 12 1.74 2.23 -0.74
CA ALA A 12 2.37 0.90 -0.69
C ALA A 12 1.48 -0.09 0.05
N ALA A 13 0.84 0.37 1.13
CA ALA A 13 -0.02 -0.50 1.92
C ALA A 13 -1.15 -1.06 1.06
N ARG A 14 -1.74 -0.20 0.24
CA ARG A 14 -2.83 -0.62 -0.64
C ARG A 14 -2.31 -1.60 -1.69
N LEU A 15 -1.10 -1.35 -2.17
CA LEU A 15 -0.48 -2.23 -3.17
C LEU A 15 -0.27 -3.63 -2.60
N LEU A 16 0.15 -3.71 -1.34
CA LEU A 16 0.39 -4.98 -0.71
C LEU A 16 -0.90 -5.77 -0.60
N GLY A 17 -1.99 -5.09 -0.25
CA GLY A 17 -3.27 -5.76 -0.12
C GLY A 17 -3.68 -6.40 -1.43
N ILE A 18 -3.46 -5.67 -2.54
CA ILE A 18 -3.79 -6.19 -3.85
C ILE A 18 -2.92 -7.41 -4.15
N SER A 19 -1.64 -7.32 -3.79
CA SER A 19 -0.73 -8.43 -4.02
C SER A 19 -1.15 -9.66 -3.23
N ARG A 20 -1.56 -9.44 -1.99
CA ARG A 20 -1.98 -10.55 -1.15
C ARG A 20 -3.19 -11.25 -1.77
N ARG A 21 -4.12 -10.45 -2.28
CA ARG A 21 -5.34 -11.00 -2.91
C ARG A 21 -4.99 -11.87 -4.11
N THR A 22 -4.01 -11.43 -4.89
CA THR A 22 -3.59 -12.18 -6.07
C THR A 22 -3.04 -13.55 -5.67
N LEU A 23 -2.25 -13.56 -4.61
CA LEU A 23 -1.63 -14.79 -4.14
C LEU A 23 -2.68 -15.83 -3.73
N TYR A 24 -3.73 -15.36 -3.06
CA TYR A 24 -4.79 -16.26 -2.63
C TYR A 24 -6.02 -16.16 -3.53
N ARG A 25 -5.86 -15.47 -4.65
CA ARG A 25 -6.96 -15.30 -5.59
C ARG A 25 -6.47 -14.54 -6.82
N ALA A 1 -3.87 23.08 4.50
CA ALA A 1 -3.04 22.17 5.35
C ALA A 1 -3.23 20.73 4.87
N LEU A 2 -2.23 20.21 4.16
CA LEU A 2 -2.29 18.83 3.65
C LEU A 2 -1.21 17.97 4.25
N GLU A 3 -1.53 16.70 4.47
CA GLU A 3 -0.58 15.75 5.05
C GLU A 3 0.12 14.96 3.94
N ARG A 4 1.08 15.60 3.29
CA ARG A 4 1.83 14.96 2.23
C ARG A 4 2.60 13.76 2.76
N THR A 5 3.22 13.93 3.92
CA THR A 5 3.99 12.85 4.52
C THR A 5 3.07 11.69 4.89
N GLY A 6 3.49 10.48 4.58
CA GLY A 6 2.69 9.29 4.89
C GLY A 6 1.89 8.85 3.67
N GLY A 7 1.75 9.74 2.69
CA GLY A 7 1.00 9.43 1.49
C GLY A 7 1.63 8.27 0.72
N ASN A 8 2.95 8.24 0.65
CA ASN A 8 3.63 7.16 -0.07
C ASN A 8 3.45 5.85 0.68
N LYS A 9 3.46 5.92 2.01
CA LYS A 9 3.32 4.73 2.83
C LYS A 9 1.94 4.11 2.63
N SER A 10 0.92 4.97 2.55
CA SER A 10 -0.44 4.49 2.37
C SER A 10 -0.58 3.78 1.03
N LYS A 11 0.10 4.31 0.02
CA LYS A 11 0.04 3.73 -1.31
C LYS A 11 0.59 2.30 -1.29
N ALA A 12 1.72 2.12 -0.62
CA ALA A 12 2.34 0.81 -0.51
C ALA A 12 1.43 -0.18 0.20
N ALA A 13 0.75 0.29 1.24
CA ALA A 13 -0.14 -0.57 2.01
C ALA A 13 -1.25 -1.12 1.11
N ARG A 14 -1.82 -0.25 0.28
CA ARG A 14 -2.87 -0.64 -0.63
C ARG A 14 -2.33 -1.62 -1.68
N LEU A 15 -1.12 -1.35 -2.15
CA LEU A 15 -0.48 -2.21 -3.15
C LEU A 15 -0.26 -3.61 -2.60
N LEU A 16 0.15 -3.70 -1.34
CA LEU A 16 0.39 -4.99 -0.73
C LEU A 16 -0.89 -5.79 -0.64
N GLY A 17 -1.99 -5.12 -0.28
CA GLY A 17 -3.27 -5.79 -0.15
C GLY A 17 -3.67 -6.42 -1.48
N ILE A 18 -3.43 -5.68 -2.57
CA ILE A 18 -3.74 -6.17 -3.90
C ILE A 18 -2.90 -7.40 -4.20
N SER A 19 -1.62 -7.34 -3.83
CA SER A 19 -0.71 -8.45 -4.07
C SER A 19 -1.16 -9.68 -3.28
N ARG A 20 -1.58 -9.45 -2.04
CA ARG A 20 -2.03 -10.56 -1.19
C ARG A 20 -3.23 -11.25 -1.82
N ARG A 21 -4.16 -10.45 -2.35
CA ARG A 21 -5.36 -11.00 -2.98
C ARG A 21 -5.01 -11.90 -4.16
N THR A 22 -4.09 -11.44 -5.00
CA THR A 22 -3.68 -12.23 -6.16
C THR A 22 -3.09 -13.56 -5.72
N LEU A 23 -2.23 -13.52 -4.71
CA LEU A 23 -1.59 -14.73 -4.21
C LEU A 23 -2.61 -15.72 -3.67
N TYR A 24 -3.62 -15.20 -2.98
CA TYR A 24 -4.66 -16.05 -2.41
C TYR A 24 -6.00 -15.83 -3.10
N ARG A 25 -6.41 -16.81 -3.87
CA ARG A 25 -7.67 -16.74 -4.59
C ARG A 25 -8.47 -18.03 -4.39
N ALA A 1 6.32 6.89 3.35
CA ALA A 1 6.92 6.97 4.71
C ALA A 1 7.51 8.37 4.92
N LEU A 2 6.65 9.39 4.83
CA LEU A 2 7.09 10.77 5.01
C LEU A 2 6.45 11.40 6.25
N GLU A 3 7.25 12.14 7.00
CA GLU A 3 6.76 12.81 8.21
C GLU A 3 5.70 13.84 7.86
N ARG A 4 5.91 14.55 6.76
CA ARG A 4 4.97 15.59 6.34
C ARG A 4 3.59 14.98 6.08
N THR A 5 3.58 13.81 5.45
CA THR A 5 2.33 13.13 5.16
C THR A 5 2.55 11.64 5.01
N GLY A 6 1.51 10.86 5.31
CA GLY A 6 1.60 9.41 5.19
C GLY A 6 0.94 8.91 3.91
N GLY A 7 0.82 9.80 2.94
CA GLY A 7 0.19 9.45 1.67
C GLY A 7 0.93 8.32 0.96
N ASN A 8 2.26 8.37 0.99
CA ASN A 8 3.04 7.33 0.34
C ASN A 8 2.85 6.00 1.04
N LYS A 9 2.69 6.06 2.37
CA LYS A 9 2.52 4.85 3.16
C LYS A 9 1.22 4.14 2.77
N SER A 10 0.17 4.93 2.57
CA SER A 10 -1.12 4.38 2.19
C SER A 10 -1.02 3.66 0.86
N LYS A 11 -0.30 4.27 -0.08
CA LYS A 11 -0.14 3.68 -1.40
C LYS A 11 0.50 2.29 -1.30
N ALA A 12 1.55 2.20 -0.51
CA ALA A 12 2.24 0.93 -0.32
C ALA A 12 1.32 -0.10 0.33
N ALA A 13 0.56 0.35 1.33
CA ALA A 13 -0.35 -0.55 2.04
C ALA A 13 -1.42 -1.08 1.09
N ARG A 14 -1.96 -0.19 0.26
CA ARG A 14 -2.98 -0.59 -0.70
C ARG A 14 -2.42 -1.57 -1.72
N LEU A 15 -1.19 -1.32 -2.15
CA LEU A 15 -0.54 -2.20 -3.12
C LEU A 15 -0.32 -3.60 -2.54
N LEU A 16 0.07 -3.66 -1.28
CA LEU A 16 0.31 -4.95 -0.63
C LEU A 16 -0.99 -5.74 -0.54
N GLY A 17 -2.08 -5.05 -0.20
CA GLY A 17 -3.36 -5.72 -0.07
C GLY A 17 -3.76 -6.37 -1.39
N ILE A 18 -3.56 -5.64 -2.48
CA ILE A 18 -3.88 -6.16 -3.80
C ILE A 18 -2.98 -7.36 -4.11
N SER A 19 -1.71 -7.24 -3.75
CA SER A 19 -0.75 -8.31 -3.99
C SER A 19 -1.16 -9.57 -3.22
N ARG A 20 -1.60 -9.39 -1.98
CA ARG A 20 -2.01 -10.52 -1.17
C ARG A 20 -3.18 -11.25 -1.82
N ARG A 21 -4.15 -10.48 -2.33
CA ARG A 21 -5.33 -11.06 -2.97
C ARG A 21 -4.94 -11.91 -4.17
N THR A 22 -3.99 -11.43 -4.96
CA THR A 22 -3.54 -12.17 -6.14
C THR A 22 -2.93 -13.50 -5.73
N LEU A 23 -2.14 -13.46 -4.66
CA LEU A 23 -1.45 -14.67 -4.18
C LEU A 23 -2.45 -15.74 -3.77
N TYR A 24 -3.52 -15.34 -3.11
CA TYR A 24 -4.55 -16.29 -2.65
C TYR A 24 -5.78 -16.23 -3.55
N ARG A 25 -5.66 -15.58 -4.69
CA ARG A 25 -6.78 -15.46 -5.62
C ARG A 25 -7.96 -14.79 -4.95
N ALA A 1 -0.02 21.66 4.66
CA ALA A 1 0.97 20.65 5.12
C ALA A 1 0.60 19.28 4.54
N LEU A 2 1.54 18.65 3.83
CA LEU A 2 1.29 17.35 3.24
C LEU A 2 2.14 16.27 3.91
N GLU A 3 1.58 15.08 4.03
CA GLU A 3 2.28 13.96 4.65
C GLU A 3 3.54 13.61 3.86
N ARG A 4 3.45 13.69 2.54
CA ARG A 4 4.58 13.37 1.68
C ARG A 4 5.03 11.92 1.90
N THR A 5 5.86 11.70 2.91
CA THR A 5 6.34 10.36 3.20
C THR A 5 5.18 9.48 3.66
N GLY A 6 4.28 10.05 4.46
CA GLY A 6 3.14 9.29 4.95
C GLY A 6 2.27 8.82 3.80
N GLY A 7 2.08 9.71 2.82
CA GLY A 7 1.26 9.39 1.66
C GLY A 7 1.84 8.23 0.86
N ASN A 8 3.16 8.20 0.71
CA ASN A 8 3.78 7.13 -0.05
C ASN A 8 3.60 5.79 0.66
N LYS A 9 3.66 5.81 1.98
CA LYS A 9 3.51 4.60 2.77
C LYS A 9 2.10 4.02 2.60
N SER A 10 1.11 4.90 2.57
CA SER A 10 -0.27 4.45 2.42
C SER A 10 -0.47 3.79 1.06
N LYS A 11 0.20 4.34 0.04
CA LYS A 11 0.08 3.80 -1.30
C LYS A 11 0.58 2.36 -1.34
N ALA A 12 1.72 2.12 -0.71
CA ALA A 12 2.29 0.78 -0.66
C ALA A 12 1.36 -0.18 0.08
N ALA A 13 0.73 0.30 1.15
CA ALA A 13 -0.18 -0.54 1.93
C ALA A 13 -1.31 -1.06 1.06
N ARG A 14 -1.85 -0.18 0.22
CA ARG A 14 -2.94 -0.57 -0.68
C ARG A 14 -2.43 -1.60 -1.70
N LEU A 15 -1.21 -1.39 -2.18
CA LEU A 15 -0.61 -2.30 -3.15
C LEU A 15 -0.46 -3.69 -2.54
N LEU A 16 -0.06 -3.75 -1.28
CA LEU A 16 0.11 -5.03 -0.62
C LEU A 16 -1.21 -5.77 -0.55
N GLY A 17 -2.28 -5.06 -0.25
CA GLY A 17 -3.59 -5.69 -0.14
C GLY A 17 -3.95 -6.39 -1.44
N ILE A 18 -3.68 -5.70 -2.55
CA ILE A 18 -3.95 -6.26 -3.87
C ILE A 18 -3.00 -7.43 -4.12
N SER A 19 -1.75 -7.28 -3.68
CA SER A 19 -0.76 -8.32 -3.87
C SER A 19 -1.17 -9.60 -3.14
N ARG A 20 -1.67 -9.45 -1.92
CA ARG A 20 -2.10 -10.60 -1.15
C ARG A 20 -3.26 -11.31 -1.83
N ARG A 21 -4.19 -10.52 -2.38
CA ARG A 21 -5.36 -11.08 -3.06
C ARG A 21 -4.92 -11.93 -4.25
N THR A 22 -3.97 -11.41 -5.02
CA THR A 22 -3.48 -12.13 -6.19
C THR A 22 -2.84 -13.46 -5.77
N LEU A 23 -2.04 -13.41 -4.72
CA LEU A 23 -1.36 -14.60 -4.21
C LEU A 23 -2.36 -15.63 -3.72
N TYR A 24 -3.40 -15.18 -3.04
CA TYR A 24 -4.41 -16.07 -2.51
C TYR A 24 -5.74 -15.87 -3.22
N ARG A 25 -6.11 -16.86 -4.00
CA ARG A 25 -7.37 -16.82 -4.74
C ARG A 25 -8.55 -16.71 -3.78
N ALA A 1 5.22 14.94 12.31
CA ALA A 1 5.12 13.86 11.28
C ALA A 1 4.98 14.49 9.89
N LEU A 2 5.42 13.77 8.85
CA LEU A 2 5.33 14.30 7.49
C LEU A 2 4.13 13.69 6.75
N GLU A 3 3.24 14.56 6.29
CA GLU A 3 2.05 14.12 5.57
C GLU A 3 2.45 13.41 4.27
N ARG A 4 3.44 13.96 3.58
CA ARG A 4 3.90 13.37 2.33
C ARG A 4 4.41 11.96 2.58
N THR A 5 5.19 11.80 3.65
CA THR A 5 5.74 10.49 3.97
C THR A 5 4.62 9.49 4.25
N GLY A 6 3.64 9.91 5.05
CA GLY A 6 2.52 9.04 5.38
C GLY A 6 1.75 8.65 4.12
N GLY A 7 1.59 9.60 3.22
CA GLY A 7 0.86 9.36 1.98
C GLY A 7 1.51 8.26 1.15
N ASN A 8 2.84 8.24 1.11
CA ASN A 8 3.54 7.22 0.34
C ASN A 8 3.36 5.86 0.98
N LYS A 9 3.34 5.84 2.31
CA LYS A 9 3.17 4.59 3.04
C LYS A 9 1.80 3.99 2.76
N SER A 10 0.78 4.85 2.72
CA SER A 10 -0.57 4.39 2.47
C SER A 10 -0.68 3.77 1.08
N LYS A 11 0.03 4.37 0.13
CA LYS A 11 0.01 3.86 -1.24
C LYS A 11 0.56 2.44 -1.30
N ALA A 12 1.68 2.21 -0.62
CA ALA A 12 2.29 0.89 -0.59
C ALA A 12 1.38 -0.11 0.11
N ALA A 13 0.70 0.34 1.16
CA ALA A 13 -0.19 -0.55 1.91
C ALA A 13 -1.29 -1.09 1.01
N ARG A 14 -1.85 -0.22 0.18
CA ARG A 14 -2.91 -0.63 -0.75
C ARG A 14 -2.35 -1.62 -1.76
N LEU A 15 -1.12 -1.38 -2.21
CA LEU A 15 -0.47 -2.26 -3.18
C LEU A 15 -0.27 -3.65 -2.61
N LEU A 16 0.12 -3.73 -1.34
CA LEU A 16 0.33 -5.01 -0.70
C LEU A 16 -0.96 -5.80 -0.65
N GLY A 17 -2.05 -5.13 -0.31
CA GLY A 17 -3.33 -5.81 -0.21
C GLY A 17 -3.70 -6.43 -1.55
N ILE A 18 -3.46 -5.70 -2.62
CA ILE A 18 -3.75 -6.19 -3.96
C ILE A 18 -2.84 -7.38 -4.27
N SER A 19 -1.58 -7.28 -3.86
CA SER A 19 -0.63 -8.36 -4.10
C SER A 19 -1.03 -9.61 -3.34
N ARG A 20 -1.45 -9.43 -2.10
CA ARG A 20 -1.86 -10.57 -1.28
C ARG A 20 -3.09 -11.24 -1.88
N ARG A 21 -4.02 -10.43 -2.38
CA ARG A 21 -5.24 -10.96 -2.98
C ARG A 21 -4.93 -11.86 -4.17
N THR A 22 -4.01 -11.41 -5.03
CA THR A 22 -3.63 -12.19 -6.20
C THR A 22 -3.04 -13.53 -5.77
N LEU A 23 -2.17 -13.48 -4.77
CA LEU A 23 -1.51 -14.69 -4.28
C LEU A 23 -2.53 -15.69 -3.71
N TYR A 24 -3.52 -15.17 -2.99
CA TYR A 24 -4.55 -16.01 -2.39
C TYR A 24 -5.90 -15.80 -3.05
N ARG A 25 -6.34 -16.81 -3.77
CA ARG A 25 -7.63 -16.75 -4.45
C ARG A 25 -8.73 -16.31 -3.50
N ALA A 1 -2.13 19.46 8.19
CA ALA A 1 -0.74 18.90 8.17
C ALA A 1 -0.71 17.66 7.29
N LEU A 2 -0.26 17.80 6.04
CA LEU A 2 -0.21 16.66 5.12
C LEU A 2 1.22 16.14 5.01
N GLU A 3 1.41 14.91 5.47
CA GLU A 3 2.73 14.27 5.42
C GLU A 3 2.92 13.55 4.10
N ARG A 4 3.85 14.03 3.30
CA ARG A 4 4.13 13.42 2.01
C ARG A 4 4.63 12.00 2.20
N THR A 5 5.49 11.81 3.20
CA THR A 5 6.04 10.49 3.46
C THR A 5 4.93 9.53 3.87
N GLY A 6 3.99 10.01 4.68
CA GLY A 6 2.87 9.17 5.10
C GLY A 6 2.02 8.74 3.91
N GLY A 7 1.82 9.65 2.97
CA GLY A 7 1.03 9.37 1.79
C GLY A 7 1.64 8.25 0.95
N ASN A 8 2.97 8.24 0.83
CA ASN A 8 3.64 7.20 0.06
C ASN A 8 3.48 5.85 0.72
N LYS A 9 3.53 5.86 2.05
CA LYS A 9 3.39 4.61 2.81
C LYS A 9 2.00 4.02 2.60
N SER A 10 0.99 4.89 2.56
CA SER A 10 -0.38 4.43 2.36
C SER A 10 -0.52 3.76 1.00
N LYS A 11 0.14 4.33 -0.01
CA LYS A 11 0.07 3.78 -1.35
C LYS A 11 0.61 2.35 -1.37
N ALA A 12 1.74 2.15 -0.70
CA ALA A 12 2.35 0.82 -0.63
C ALA A 12 1.43 -0.15 0.11
N ALA A 13 0.77 0.33 1.16
CA ALA A 13 -0.13 -0.51 1.95
C ALA A 13 -1.25 -1.06 1.07
N ARG A 14 -1.80 -0.19 0.23
CA ARG A 14 -2.88 -0.60 -0.68
C ARG A 14 -2.35 -1.60 -1.70
N LEU A 15 -1.14 -1.36 -2.18
CA LEU A 15 -0.51 -2.23 -3.17
C LEU A 15 -0.31 -3.63 -2.59
N LEU A 16 0.10 -3.70 -1.33
CA LEU A 16 0.31 -4.98 -0.69
C LEU A 16 -0.99 -5.77 -0.61
N GLY A 17 -2.08 -5.07 -0.26
CA GLY A 17 -3.36 -5.72 -0.14
C GLY A 17 -3.77 -6.36 -1.46
N ILE A 18 -3.52 -5.64 -2.55
CA ILE A 18 -3.83 -6.14 -3.88
C ILE A 18 -2.98 -7.37 -4.18
N SER A 19 -1.70 -7.28 -3.80
CA SER A 19 -0.78 -8.40 -4.03
C SER A 19 -1.21 -9.62 -3.23
N ARG A 20 -1.63 -9.41 -2.00
CA ARG A 20 -2.06 -10.51 -1.15
C ARG A 20 -3.24 -11.25 -1.77
N ARG A 21 -4.19 -10.48 -2.30
CA ARG A 21 -5.38 -11.06 -2.93
C ARG A 21 -4.99 -11.92 -4.12
N THR A 22 -4.04 -11.44 -4.91
CA THR A 22 -3.59 -12.18 -6.09
C THR A 22 -2.98 -13.52 -5.67
N LEU A 23 -2.18 -13.48 -4.61
CA LEU A 23 -1.51 -14.69 -4.12
C LEU A 23 -2.50 -15.77 -3.71
N TYR A 24 -3.57 -15.36 -3.05
CA TYR A 24 -4.60 -16.30 -2.59
C TYR A 24 -5.85 -16.23 -3.46
N ARG A 25 -5.73 -15.58 -4.61
CA ARG A 25 -6.84 -15.44 -5.52
C ARG A 25 -8.03 -14.79 -4.83
N ALA A 1 12.90 19.10 -2.78
CA ALA A 1 12.05 18.07 -3.44
C ALA A 1 10.76 17.91 -2.65
N LEU A 2 9.73 17.36 -3.31
CA LEU A 2 8.44 17.18 -2.65
C LEU A 2 8.19 15.70 -2.33
N GLU A 3 7.59 15.45 -1.17
CA GLU A 3 7.29 14.08 -0.75
C GLU A 3 6.01 14.05 0.07
N ARG A 4 5.25 12.96 -0.09
CA ARG A 4 4.02 12.82 0.65
C ARG A 4 4.26 12.08 1.95
N THR A 5 5.45 11.49 2.08
CA THR A 5 5.80 10.75 3.29
C THR A 5 4.68 9.77 3.66
N GLY A 6 3.75 10.21 4.50
CA GLY A 6 2.65 9.35 4.90
C GLY A 6 1.84 8.89 3.70
N GLY A 7 1.67 9.78 2.72
CA GLY A 7 0.91 9.46 1.52
C GLY A 7 1.55 8.31 0.74
N ASN A 8 2.87 8.30 0.65
CA ASN A 8 3.56 7.24 -0.07
C ASN A 8 3.41 5.91 0.66
N LYS A 9 3.42 5.98 1.99
CA LYS A 9 3.27 4.78 2.81
C LYS A 9 1.90 4.15 2.59
N SER A 10 0.89 4.99 2.51
CA SER A 10 -0.48 4.51 2.30
C SER A 10 -0.58 3.79 0.97
N LYS A 11 0.08 4.33 -0.05
CA LYS A 11 0.05 3.73 -1.38
C LYS A 11 0.63 2.32 -1.34
N ALA A 12 1.75 2.15 -0.67
CA ALA A 12 2.39 0.85 -0.55
C ALA A 12 1.48 -0.14 0.19
N ALA A 13 0.82 0.34 1.23
CA ALA A 13 -0.06 -0.52 2.02
C ALA A 13 -1.20 -1.06 1.15
N ARG A 14 -1.78 -0.18 0.33
CA ARG A 14 -2.87 -0.58 -0.55
C ARG A 14 -2.38 -1.58 -1.59
N LEU A 15 -1.18 -1.35 -2.11
CA LEU A 15 -0.59 -2.24 -3.11
C LEU A 15 -0.39 -3.63 -2.54
N LEU A 16 0.04 -3.70 -1.29
CA LEU A 16 0.26 -4.99 -0.64
C LEU A 16 -1.04 -5.76 -0.55
N GLY A 17 -2.13 -5.05 -0.22
CA GLY A 17 -3.43 -5.71 -0.09
C GLY A 17 -3.81 -6.38 -1.40
N ILE A 18 -3.61 -5.68 -2.51
CA ILE A 18 -3.91 -6.24 -3.82
C ILE A 18 -2.99 -7.43 -4.10
N SER A 19 -1.73 -7.29 -3.71
CA SER A 19 -0.77 -8.37 -3.91
C SER A 19 -1.16 -9.61 -3.15
N ARG A 20 -1.63 -9.42 -1.92
CA ARG A 20 -2.05 -10.55 -1.10
C ARG A 20 -3.22 -11.27 -1.76
N ARG A 21 -4.18 -10.50 -2.28
CA ARG A 21 -5.36 -11.08 -2.94
C ARG A 21 -4.95 -11.89 -4.16
N THR A 22 -3.98 -11.39 -4.91
CA THR A 22 -3.53 -12.09 -6.10
C THR A 22 -2.91 -13.43 -5.74
N LEU A 23 -2.13 -13.45 -4.66
CA LEU A 23 -1.47 -14.67 -4.21
C LEU A 23 -2.48 -15.76 -3.84
N TYR A 24 -3.57 -15.36 -3.20
CA TYR A 24 -4.60 -16.30 -2.78
C TYR A 24 -5.84 -16.21 -3.68
N ARG A 25 -5.69 -15.52 -4.80
CA ARG A 25 -6.78 -15.35 -5.74
C ARG A 25 -7.95 -14.62 -5.07
N ALA A 1 7.75 14.99 10.53
CA ALA A 1 7.42 14.06 9.41
C ALA A 1 6.90 14.86 8.22
N LEU A 2 6.86 14.22 7.05
CA LEU A 2 6.38 14.90 5.84
C LEU A 2 5.10 14.25 5.31
N GLU A 3 4.19 15.09 4.84
CA GLU A 3 2.92 14.60 4.30
C GLU A 3 3.16 13.77 3.05
N ARG A 4 4.11 14.18 2.23
CA ARG A 4 4.40 13.46 1.01
C ARG A 4 4.88 12.05 1.32
N THR A 5 5.73 11.95 2.33
CA THR A 5 6.26 10.64 2.71
C THR A 5 5.14 9.76 3.26
N GLY A 6 4.26 10.35 4.05
CA GLY A 6 3.14 9.58 4.62
C GLY A 6 2.25 9.03 3.51
N GLY A 7 2.02 9.85 2.49
CA GLY A 7 1.19 9.45 1.37
C GLY A 7 1.77 8.25 0.63
N ASN A 8 3.09 8.23 0.45
CA ASN A 8 3.72 7.13 -0.26
C ASN A 8 3.56 5.83 0.52
N LYS A 9 3.64 5.94 1.85
CA LYS A 9 3.51 4.77 2.70
C LYS A 9 2.11 4.17 2.57
N SER A 10 1.10 5.04 2.50
CA SER A 10 -0.26 4.59 2.38
C SER A 10 -0.47 3.86 1.06
N LYS A 11 0.18 4.34 0.01
CA LYS A 11 0.07 3.72 -1.30
C LYS A 11 0.57 2.28 -1.26
N ALA A 12 1.70 2.08 -0.60
CA ALA A 12 2.28 0.75 -0.50
C ALA A 12 1.34 -0.20 0.24
N ALA A 13 0.66 0.32 1.26
CA ALA A 13 -0.27 -0.50 2.04
C ALA A 13 -1.37 -1.06 1.14
N ARG A 14 -1.93 -0.19 0.30
CA ARG A 14 -2.98 -0.60 -0.62
C ARG A 14 -2.43 -1.60 -1.64
N LEU A 15 -1.21 -1.36 -2.10
CA LEU A 15 -0.58 -2.24 -3.08
C LEU A 15 -0.37 -3.63 -2.49
N LEU A 16 0.02 -3.69 -1.23
CA LEU A 16 0.26 -4.98 -0.58
C LEU A 16 -1.04 -5.77 -0.51
N GLY A 17 -2.14 -5.09 -0.18
CA GLY A 17 -3.42 -5.75 -0.07
C GLY A 17 -3.80 -6.40 -1.40
N ILE A 18 -3.54 -5.69 -2.49
CA ILE A 18 -3.84 -6.21 -3.82
C ILE A 18 -2.94 -7.42 -4.10
N SER A 19 -1.68 -7.31 -3.70
CA SER A 19 -0.74 -8.41 -3.91
C SER A 19 -1.18 -9.64 -3.14
N ARG A 20 -1.65 -9.43 -1.92
CA ARG A 20 -2.09 -10.56 -1.09
C ARG A 20 -3.25 -11.29 -1.77
N ARG A 21 -4.20 -10.52 -2.32
CA ARG A 21 -5.35 -11.11 -3.00
C ARG A 21 -4.92 -11.91 -4.20
N THR A 22 -3.93 -11.41 -4.94
CA THR A 22 -3.45 -12.10 -6.13
C THR A 22 -2.87 -13.46 -5.76
N LEU A 23 -2.10 -13.49 -4.67
CA LEU A 23 -1.47 -14.72 -4.22
C LEU A 23 -2.50 -15.78 -3.87
N TYR A 24 -3.57 -15.36 -3.22
CA TYR A 24 -4.63 -16.28 -2.82
C TYR A 24 -5.85 -16.18 -3.73
N ARG A 25 -5.66 -15.55 -4.88
CA ARG A 25 -6.73 -15.37 -5.84
C ARG A 25 -7.88 -14.58 -5.22
N ALA A 1 2.52 19.69 -1.16
CA ALA A 1 3.59 18.83 -0.58
C ALA A 1 3.31 18.60 0.91
N LEU A 2 2.11 18.11 1.22
CA LEU A 2 1.74 17.86 2.62
C LEU A 2 1.78 16.37 2.92
N GLU A 3 2.65 16.00 3.87
CA GLU A 3 2.78 14.61 4.28
C GLU A 3 3.02 13.71 3.08
N ARG A 4 3.98 14.09 2.25
CA ARG A 4 4.30 13.30 1.08
C ARG A 4 4.78 11.91 1.49
N THR A 5 5.58 11.86 2.56
CA THR A 5 6.09 10.59 3.03
C THR A 5 4.95 9.66 3.45
N GLY A 6 3.99 10.21 4.20
CA GLY A 6 2.85 9.42 4.64
C GLY A 6 2.06 8.91 3.44
N GLY A 7 1.93 9.75 2.42
CA GLY A 7 1.19 9.39 1.22
C GLY A 7 1.80 8.17 0.53
N ASN A 8 3.12 8.12 0.47
CA ASN A 8 3.79 7.00 -0.17
C ASN A 8 3.56 5.72 0.63
N LYS A 9 3.54 5.85 1.95
CA LYS A 9 3.34 4.71 2.82
C LYS A 9 1.96 4.12 2.60
N SER A 10 0.96 4.98 2.44
CA SER A 10 -0.40 4.53 2.23
C SER A 10 -0.51 3.77 0.92
N LYS A 11 0.22 4.23 -0.09
CA LYS A 11 0.19 3.59 -1.40
C LYS A 11 0.67 2.14 -1.29
N ALA A 12 1.77 1.94 -0.57
CA ALA A 12 2.32 0.61 -0.39
C ALA A 12 1.33 -0.30 0.34
N ALA A 13 0.64 0.25 1.33
CA ALA A 13 -0.33 -0.53 2.09
C ALA A 13 -1.43 -1.07 1.18
N ARG A 14 -1.94 -0.21 0.30
CA ARG A 14 -2.98 -0.62 -0.63
C ARG A 14 -2.42 -1.60 -1.66
N LEU A 15 -1.20 -1.33 -2.11
CA LEU A 15 -0.56 -2.18 -3.10
C LEU A 15 -0.37 -3.59 -2.56
N LEU A 16 0.07 -3.68 -1.33
CA LEU A 16 0.30 -4.98 -0.70
C LEU A 16 -1.00 -5.74 -0.57
N GLY A 17 -2.07 -5.03 -0.22
CA GLY A 17 -3.37 -5.67 -0.07
C GLY A 17 -3.81 -6.31 -1.39
N ILE A 18 -3.59 -5.59 -2.48
CA ILE A 18 -3.95 -6.09 -3.81
C ILE A 18 -3.07 -7.29 -4.16
N SER A 19 -1.78 -7.16 -3.85
CA SER A 19 -0.84 -8.24 -4.14
C SER A 19 -1.19 -9.49 -3.34
N ARG A 20 -1.56 -9.29 -2.08
CA ARG A 20 -1.91 -10.42 -1.24
C ARG A 20 -3.09 -11.18 -1.82
N ARG A 21 -4.09 -10.44 -2.31
CA ARG A 21 -5.28 -11.06 -2.89
C ARG A 21 -4.92 -11.91 -4.09
N THR A 22 -4.01 -11.42 -4.91
CA THR A 22 -3.58 -12.16 -6.10
C THR A 22 -2.95 -13.49 -5.71
N LEU A 23 -2.16 -13.47 -4.65
CA LEU A 23 -1.46 -14.67 -4.18
C LEU A 23 -2.45 -15.75 -3.75
N TYR A 24 -3.51 -15.34 -3.07
CA TYR A 24 -4.53 -16.28 -2.60
C TYR A 24 -5.77 -16.26 -3.48
N ARG A 25 -5.68 -15.58 -4.61
CA ARG A 25 -6.80 -15.47 -5.53
C ARG A 25 -6.38 -14.68 -6.77
N ALA A 1 12.91 9.00 -1.86
CA ALA A 1 11.54 8.59 -1.44
C ALA A 1 11.14 9.38 -0.19
N LEU A 2 10.01 10.10 -0.28
CA LEU A 2 9.53 10.89 0.84
C LEU A 2 8.20 10.36 1.35
N GLU A 3 8.05 10.32 2.68
CA GLU A 3 6.82 9.86 3.30
C GLU A 3 5.66 10.78 2.95
N ARG A 4 5.93 12.08 2.88
CA ARG A 4 4.88 13.03 2.56
C ARG A 4 3.72 12.89 3.52
N THR A 5 4.02 12.95 4.82
CA THR A 5 3.00 12.78 5.86
C THR A 5 2.57 11.32 6.01
N GLY A 6 3.07 10.46 5.12
CA GLY A 6 2.72 9.05 5.14
C GLY A 6 1.90 8.68 3.89
N GLY A 7 1.80 9.61 2.95
CA GLY A 7 1.05 9.38 1.72
C GLY A 7 1.67 8.24 0.89
N ASN A 8 3.00 8.18 0.84
CA ASN A 8 3.67 7.14 0.08
C ASN A 8 3.49 5.80 0.78
N LYS A 9 3.45 5.84 2.10
CA LYS A 9 3.28 4.63 2.88
C LYS A 9 1.91 4.01 2.63
N SER A 10 0.90 4.86 2.54
CA SER A 10 -0.46 4.40 2.30
C SER A 10 -0.55 3.74 0.94
N LYS A 11 0.14 4.32 -0.04
CA LYS A 11 0.12 3.77 -1.40
C LYS A 11 0.65 2.34 -1.40
N ALA A 12 1.78 2.14 -0.74
CA ALA A 12 2.38 0.81 -0.66
C ALA A 12 1.47 -0.16 0.08
N ALA A 13 0.82 0.32 1.14
CA ALA A 13 -0.06 -0.54 1.92
C ALA A 13 -1.20 -1.06 1.06
N ARG A 14 -1.77 -0.18 0.23
CA ARG A 14 -2.85 -0.57 -0.66
C ARG A 14 -2.36 -1.57 -1.68
N LEU A 15 -1.14 -1.36 -2.18
CA LEU A 15 -0.54 -2.24 -3.16
C LEU A 15 -0.34 -3.64 -2.59
N LEU A 16 0.08 -3.72 -1.34
CA LEU A 16 0.29 -5.00 -0.69
C LEU A 16 -1.01 -5.77 -0.61
N GLY A 17 -2.09 -5.08 -0.24
CA GLY A 17 -3.38 -5.74 -0.10
C GLY A 17 -3.78 -6.38 -1.42
N ILE A 18 -3.55 -5.66 -2.51
CA ILE A 18 -3.87 -6.18 -3.83
C ILE A 18 -2.97 -7.37 -4.14
N SER A 19 -1.70 -7.26 -3.77
CA SER A 19 -0.75 -8.35 -4.02
C SER A 19 -1.16 -9.60 -3.26
N ARG A 20 -1.60 -9.42 -2.02
CA ARG A 20 -2.00 -10.56 -1.19
C ARG A 20 -3.21 -11.26 -1.81
N ARG A 21 -4.14 -10.48 -2.36
CA ARG A 21 -5.33 -11.04 -2.98
C ARG A 21 -4.95 -11.91 -4.18
N THR A 22 -4.00 -11.43 -4.97
CA THR A 22 -3.56 -12.18 -6.14
C THR A 22 -2.95 -13.51 -5.73
N LEU A 23 -2.14 -13.48 -4.68
CA LEU A 23 -1.47 -14.69 -4.19
C LEU A 23 -2.49 -15.71 -3.70
N TYR A 24 -3.52 -15.23 -3.02
CA TYR A 24 -4.56 -16.11 -2.47
C TYR A 24 -5.87 -15.90 -3.20
N ARG A 25 -6.25 -16.90 -4.00
CA ARG A 25 -7.49 -16.84 -4.75
C ARG A 25 -7.63 -15.50 -5.47
N ALA A 1 5.26 15.73 -3.07
CA ALA A 1 6.62 15.75 -2.47
C ALA A 1 6.54 16.23 -1.03
N LEU A 2 6.23 15.30 -0.11
CA LEU A 2 6.11 15.65 1.30
C LEU A 2 7.17 14.93 2.14
N GLU A 3 7.77 15.68 3.07
CA GLU A 3 8.80 15.13 3.95
C GLU A 3 8.26 13.96 4.75
N ARG A 4 7.00 14.05 5.14
CA ARG A 4 6.39 12.99 5.92
C ARG A 4 6.40 11.69 5.13
N THR A 5 6.18 11.80 3.82
CA THR A 5 6.15 10.62 2.97
C THR A 5 5.02 9.69 3.38
N GLY A 6 4.09 10.19 4.18
CA GLY A 6 2.96 9.39 4.63
C GLY A 6 2.13 8.90 3.45
N GLY A 7 1.98 9.76 2.45
CA GLY A 7 1.21 9.42 1.26
C GLY A 7 1.79 8.22 0.53
N ASN A 8 3.11 8.12 0.48
CA ASN A 8 3.75 7.00 -0.19
C ASN A 8 3.55 5.72 0.60
N LYS A 9 3.58 5.85 1.93
CA LYS A 9 3.42 4.70 2.81
C LYS A 9 2.03 4.09 2.62
N SER A 10 1.02 4.96 2.51
CA SER A 10 -0.35 4.50 2.33
C SER A 10 -0.49 3.77 1.00
N LYS A 11 0.17 4.28 -0.03
CA LYS A 11 0.10 3.66 -1.34
C LYS A 11 0.62 2.23 -1.29
N ALA A 12 1.74 2.04 -0.61
CA ALA A 12 2.33 0.71 -0.48
C ALA A 12 1.38 -0.24 0.25
N ALA A 13 0.71 0.27 1.29
CA ALA A 13 -0.22 -0.56 2.06
C ALA A 13 -1.35 -1.07 1.17
N ARG A 14 -1.89 -0.18 0.33
CA ARG A 14 -2.95 -0.56 -0.59
C ARG A 14 -2.44 -1.55 -1.63
N LEU A 15 -1.22 -1.31 -2.11
CA LEU A 15 -0.61 -2.17 -3.11
C LEU A 15 -0.39 -3.58 -2.56
N LEU A 16 0.01 -3.66 -1.30
CA LEU A 16 0.24 -4.95 -0.67
C LEU A 16 -1.05 -5.73 -0.59
N GLY A 17 -2.13 -5.05 -0.23
CA GLY A 17 -3.43 -5.72 -0.11
C GLY A 17 -3.82 -6.36 -1.43
N ILE A 18 -3.58 -5.63 -2.52
CA ILE A 18 -3.89 -6.14 -3.86
C ILE A 18 -2.99 -7.33 -4.16
N SER A 19 -1.72 -7.22 -3.79
CA SER A 19 -0.77 -8.29 -4.03
C SER A 19 -1.17 -9.55 -3.26
N ARG A 20 -1.61 -9.37 -2.03
CA ARG A 20 -2.02 -10.50 -1.21
C ARG A 20 -3.20 -11.21 -1.85
N ARG A 21 -4.13 -10.44 -2.40
CA ARG A 21 -5.33 -11.01 -3.03
C ARG A 21 -4.94 -11.91 -4.19
N THR A 22 -3.99 -11.46 -5.00
CA THR A 22 -3.56 -12.24 -6.15
C THR A 22 -2.94 -13.55 -5.71
N LEU A 23 -2.13 -13.49 -4.64
CA LEU A 23 -1.44 -14.67 -4.14
C LEU A 23 -2.44 -15.75 -3.69
N TYR A 24 -3.51 -15.32 -3.04
CA TYR A 24 -4.53 -16.26 -2.57
C TYR A 24 -5.76 -16.25 -3.45
N ARG A 25 -5.66 -15.57 -4.58
CA ARG A 25 -6.77 -15.48 -5.52
C ARG A 25 -6.36 -14.69 -6.75
N ALA A 1 -2.15 11.61 5.00
CA ALA A 1 -1.19 12.40 4.17
C ALA A 1 -0.47 13.41 5.06
N LEU A 2 0.48 12.92 5.86
CA LEU A 2 1.24 13.80 6.76
C LEU A 2 2.66 14.01 6.25
N GLU A 3 2.99 15.25 5.93
CA GLU A 3 4.31 15.60 5.45
C GLU A 3 4.70 14.75 4.26
N ARG A 4 3.73 14.47 3.41
CA ARG A 4 3.99 13.66 2.23
C ARG A 4 4.62 12.34 2.63
N THR A 5 4.38 11.93 3.87
CA THR A 5 4.94 10.67 4.36
C THR A 5 3.84 9.65 4.57
N GLY A 6 2.81 10.02 5.32
CA GLY A 6 1.71 9.10 5.57
C GLY A 6 1.03 8.69 4.27
N GLY A 7 0.90 9.64 3.35
CA GLY A 7 0.26 9.38 2.07
C GLY A 7 1.00 8.30 1.28
N ASN A 8 2.33 8.33 1.32
CA ASN A 8 3.11 7.34 0.60
C ASN A 8 2.94 5.96 1.22
N LYS A 9 2.83 5.93 2.54
CA LYS A 9 2.66 4.66 3.25
C LYS A 9 1.33 4.02 2.88
N SER A 10 0.29 4.85 2.77
CA SER A 10 -1.03 4.35 2.42
C SER A 10 -1.00 3.73 1.03
N LYS A 11 -0.27 4.37 0.12
CA LYS A 11 -0.18 3.86 -1.25
C LYS A 11 0.42 2.47 -1.27
N ALA A 12 1.52 2.28 -0.55
CA ALA A 12 2.18 0.99 -0.49
C ALA A 12 1.28 -0.05 0.21
N ALA A 13 0.58 0.39 1.26
CA ALA A 13 -0.30 -0.51 2.00
C ALA A 13 -1.38 -1.08 1.09
N ARG A 14 -1.97 -0.22 0.27
CA ARG A 14 -3.00 -0.64 -0.67
C ARG A 14 -2.43 -1.62 -1.68
N LEU A 15 -1.19 -1.35 -2.13
CA LEU A 15 -0.53 -2.21 -3.10
C LEU A 15 -0.30 -3.61 -2.54
N LEU A 16 0.09 -3.67 -1.26
CA LEU A 16 0.34 -4.96 -0.63
C LEU A 16 -0.95 -5.76 -0.55
N GLY A 17 -2.04 -5.09 -0.20
CA GLY A 17 -3.32 -5.78 -0.08
C GLY A 17 -3.72 -6.41 -1.42
N ILE A 18 -3.50 -5.66 -2.50
CA ILE A 18 -3.81 -6.17 -3.84
C ILE A 18 -2.92 -7.37 -4.13
N SER A 19 -1.65 -7.26 -3.74
CA SER A 19 -0.71 -8.35 -3.97
C SER A 19 -1.14 -9.59 -3.22
N ARG A 20 -1.59 -9.42 -1.98
CA ARG A 20 -2.01 -10.54 -1.17
C ARG A 20 -3.20 -11.25 -1.83
N ARG A 21 -4.13 -10.46 -2.37
CA ARG A 21 -5.31 -11.02 -3.01
C ARG A 21 -4.92 -11.91 -4.19
N THR A 22 -3.95 -11.45 -4.98
CA THR A 22 -3.51 -12.21 -6.14
C THR A 22 -2.92 -13.55 -5.70
N LEU A 23 -2.16 -13.53 -4.62
CA LEU A 23 -1.50 -14.73 -4.11
C LEU A 23 -2.53 -15.80 -3.73
N TYR A 24 -3.62 -15.37 -3.12
CA TYR A 24 -4.68 -16.30 -2.69
C TYR A 24 -5.88 -16.24 -3.63
N ARG A 25 -5.71 -15.56 -4.75
CA ARG A 25 -6.78 -15.42 -5.72
C ARG A 25 -6.28 -14.66 -6.95
#